data_8PVE
#
_entry.id   8PVE
#
_cell.length_a   1.00
_cell.length_b   1.00
_cell.length_c   1.00
_cell.angle_alpha   90.00
_cell.angle_beta   90.00
_cell.angle_gamma   90.00
#
_symmetry.space_group_name_H-M   'P 1'
#
_entity_poly.entity_id   1
_entity_poly.type   'polypeptide(L)'
_entity_poly.pdbx_seq_one_letter_code
;MTGTMKIYYEHDADLGFILGKKVAVLGFGSQGHAHAHNLKDSGVDVRVGLRKGSRSWEKAEAAGLRVLPVAEAVREADVV
MVLLPDEKQAQVYREEVEPNLKEGGALAFAHGFNVHFGQIKPRKDLDVWMVAPKGPGHLVRSEYGGGSNWSHPQFEKRPP
GGSGVPALVAVHQDASGSAFPTALAYAKAIGAARAGVIATTFKDETETDLFGEQAVLCGGLTRLIRAGFETLVEAGYPPE
MAYFETVHEVKLIVDLIYEAGLKGMRYSISNTAEYGDYTRGDLAVPLEETKRRMREILRQIQSGEFAREWMLENQVGSPV
LEANRKRWAAHPIEEVGSRLRAMMRS
;
_entity_poly.pdbx_strand_id   A
#
# COMPACT_ATOMS: atom_id res chain seq x y z
N THR A 4 -4.98 -18.98 13.87
CA THR A 4 -5.72 -18.52 15.09
C THR A 4 -6.01 -17.01 14.99
N MET A 5 -6.76 -16.64 13.93
CA MET A 5 -7.01 -15.26 13.55
C MET A 5 -8.48 -15.13 13.15
N LYS A 6 -9.09 -13.95 13.40
CA LYS A 6 -10.51 -13.73 13.24
C LYS A 6 -10.79 -13.27 11.79
N ILE A 7 -11.48 -14.12 11.00
CA ILE A 7 -11.81 -13.85 9.61
C ILE A 7 -13.32 -13.57 9.54
N TYR A 8 -13.71 -12.58 8.73
CA TYR A 8 -15.09 -12.19 8.50
C TYR A 8 -15.36 -12.27 7.01
N TYR A 9 -16.56 -12.76 6.61
CA TYR A 9 -16.90 -12.95 5.21
C TYR A 9 -18.07 -12.02 4.86
N GLU A 10 -18.49 -12.04 3.57
CA GLU A 10 -19.68 -11.35 3.07
C GLU A 10 -20.91 -11.57 3.96
N HIS A 11 -21.07 -12.78 4.53
CA HIS A 11 -22.23 -13.17 5.35
C HIS A 11 -22.22 -12.45 6.70
N ASP A 12 -21.01 -12.11 7.21
CA ASP A 12 -20.84 -11.40 8.47
C ASP A 12 -21.10 -9.90 8.32
N ALA A 13 -21.06 -9.36 7.08
CA ALA A 13 -21.15 -7.93 6.82
C ALA A 13 -22.54 -7.58 6.28
N ASP A 14 -23.12 -6.48 6.79
CA ASP A 14 -24.49 -6.06 6.49
C ASP A 14 -24.44 -4.70 5.78
N LEU A 15 -24.70 -4.70 4.46
CA LEU A 15 -24.64 -3.49 3.63
C LEU A 15 -25.59 -2.38 4.09
N GLY A 16 -26.58 -2.68 4.96
CA GLY A 16 -27.40 -1.69 5.65
C GLY A 16 -26.61 -0.62 6.42
N PHE A 17 -25.42 -0.97 6.95
CA PHE A 17 -24.60 -0.04 7.71
C PHE A 17 -23.88 1.00 6.82
N ILE A 18 -23.83 0.81 5.48
CA ILE A 18 -23.18 1.76 4.57
C ILE A 18 -24.18 2.38 3.58
N LEU A 19 -25.12 1.59 3.01
CA LEU A 19 -25.98 2.03 1.90
C LEU A 19 -26.78 3.29 2.26
N GLY A 20 -27.18 3.46 3.53
CA GLY A 20 -27.82 4.69 3.99
C GLY A 20 -26.85 5.81 4.40
N LYS A 21 -25.61 5.86 3.84
CA LYS A 21 -24.62 6.87 4.19
C LYS A 21 -23.98 7.45 2.92
N LYS A 22 -23.66 8.75 2.95
CA LYS A 22 -23.00 9.47 1.86
C LYS A 22 -21.49 9.37 2.08
N VAL A 23 -20.77 8.86 1.05
CA VAL A 23 -19.34 8.60 1.13
C VAL A 23 -18.61 9.63 0.25
N ALA A 24 -17.65 10.38 0.87
CA ALA A 24 -16.75 11.25 0.13
C ALA A 24 -15.42 10.53 -0.02
N VAL A 25 -15.00 10.31 -1.27
CA VAL A 25 -13.70 9.72 -1.60
C VAL A 25 -12.76 10.89 -1.93
N LEU A 26 -11.70 11.06 -1.15
CA LEU A 26 -10.74 12.14 -1.36
C LEU A 26 -9.53 11.56 -2.09
N GLY A 27 -9.25 12.08 -3.29
CA GLY A 27 -8.14 11.62 -4.11
C GLY A 27 -8.60 10.65 -5.19
N PHE A 28 -7.83 10.57 -6.29
CA PHE A 28 -8.22 9.78 -7.46
C PHE A 28 -6.98 9.21 -8.15
N GLY A 29 -6.08 8.60 -7.35
CA GLY A 29 -5.12 7.65 -7.88
C GLY A 29 -5.80 6.33 -8.24
N SER A 30 -4.98 5.27 -8.36
CA SER A 30 -5.46 3.89 -8.49
C SER A 30 -6.48 3.53 -7.41
N GLN A 31 -6.25 3.95 -6.16
CA GLN A 31 -7.09 3.57 -5.02
C GLN A 31 -8.39 4.37 -5.07
N GLY A 32 -8.32 5.70 -5.24
CA GLY A 32 -9.50 6.54 -5.40
C GLY A 32 -10.42 6.02 -6.51
N HIS A 33 -9.83 5.72 -7.68
CA HIS A 33 -10.54 5.19 -8.83
C HIS A 33 -11.34 3.95 -8.41
N ALA A 34 -10.63 2.94 -7.88
CA ALA A 34 -11.20 1.64 -7.57
C ALA A 34 -12.26 1.77 -6.45
N HIS A 35 -11.97 2.55 -5.39
CA HIS A 35 -12.90 2.72 -4.29
C HIS A 35 -14.21 3.33 -4.78
N ALA A 36 -14.12 4.44 -5.56
CA ALA A 36 -15.30 5.18 -6.01
C ALA A 36 -16.13 4.30 -6.96
N HIS A 37 -15.40 3.67 -7.94
CA HIS A 37 -15.96 2.73 -8.92
C HIS A 37 -16.81 1.70 -8.16
N ASN A 38 -16.18 0.81 -7.40
CA ASN A 38 -16.83 -0.36 -6.85
C ASN A 38 -17.96 0.01 -5.87
N LEU A 39 -17.89 1.19 -5.24
CA LEU A 39 -18.95 1.67 -4.35
C LEU A 39 -20.22 2.00 -5.14
N LYS A 40 -20.11 2.78 -6.24
CA LYS A 40 -21.26 3.15 -7.07
C LYS A 40 -21.95 1.90 -7.63
N ASP A 41 -21.15 0.95 -8.15
CA ASP A 41 -21.62 -0.35 -8.66
C ASP A 41 -22.19 -1.26 -7.54
N SER A 42 -22.11 -0.86 -6.26
CA SER A 42 -22.83 -1.51 -5.17
C SER A 42 -23.94 -0.62 -4.59
N GLY A 43 -24.24 0.54 -5.22
CA GLY A 43 -25.44 1.30 -4.94
C GLY A 43 -25.34 2.22 -3.71
N VAL A 44 -24.14 2.76 -3.43
CA VAL A 44 -23.96 3.82 -2.44
C VAL A 44 -23.61 5.09 -3.24
N ASP A 45 -24.14 6.25 -2.82
CA ASP A 45 -23.92 7.52 -3.49
C ASP A 45 -22.54 8.06 -3.07
N VAL A 46 -21.67 8.25 -4.09
CA VAL A 46 -20.29 8.65 -3.91
C VAL A 46 -20.13 10.05 -4.52
N ARG A 47 -19.27 10.86 -3.88
CA ARG A 47 -18.76 12.11 -4.42
C ARG A 47 -17.25 12.07 -4.29
N VAL A 48 -16.52 12.52 -5.31
CA VAL A 48 -15.07 12.57 -5.26
C VAL A 48 -14.67 14.02 -4.96
N GLY A 49 -13.88 14.25 -3.90
CA GLY A 49 -13.33 15.56 -3.55
C GLY A 49 -11.95 15.77 -4.17
N LEU A 50 -11.79 16.80 -5.03
CA LEU A 50 -10.52 17.09 -5.72
C LEU A 50 -10.27 18.59 -5.78
N ARG A 51 -9.03 18.98 -6.12
CA ARG A 51 -8.66 20.38 -6.28
C ARG A 51 -9.05 20.81 -7.71
N LYS A 52 -9.57 22.05 -7.81
CA LYS A 52 -10.23 22.54 -9.03
C LYS A 52 -9.18 22.65 -10.14
N GLY A 53 -9.55 22.16 -11.35
CA GLY A 53 -8.71 22.26 -12.54
C GLY A 53 -7.45 21.38 -12.48
N SER A 54 -7.51 20.23 -11.78
CA SER A 54 -6.42 19.26 -11.75
C SER A 54 -6.60 18.26 -12.89
N ARG A 55 -5.50 17.55 -13.25
CA ARG A 55 -5.55 16.42 -14.18
C ARG A 55 -6.51 15.33 -13.68
N SER A 56 -6.49 15.03 -12.36
CA SER A 56 -7.39 14.05 -11.77
C SER A 56 -8.85 14.50 -11.83
N TRP A 57 -9.14 15.82 -11.75
CA TRP A 57 -10.52 16.34 -11.86
C TRP A 57 -11.17 15.85 -13.15
N GLU A 58 -10.50 16.08 -14.29
CA GLU A 58 -11.02 15.74 -15.61
C GLU A 58 -11.09 14.22 -15.79
N LYS A 59 -10.08 13.46 -15.31
CA LYS A 59 -10.10 12.00 -15.38
C LYS A 59 -11.30 11.41 -14.60
N ALA A 60 -11.69 12.02 -13.47
CA ALA A 60 -12.80 11.54 -12.66
C ALA A 60 -14.15 11.79 -13.33
N GLU A 61 -14.35 12.99 -13.90
CA GLU A 61 -15.55 13.31 -14.67
C GLU A 61 -15.69 12.36 -15.85
N ALA A 62 -14.58 12.06 -16.56
CA ALA A 62 -14.56 11.11 -17.68
C ALA A 62 -15.01 9.70 -17.29
N ALA A 63 -14.77 9.27 -16.04
CA ALA A 63 -15.27 7.99 -15.53
C ALA A 63 -16.74 8.10 -15.07
N GLY A 64 -17.30 9.33 -15.03
CA GLY A 64 -18.74 9.53 -14.87
C GLY A 64 -19.14 9.61 -13.40
N LEU A 65 -18.35 10.33 -12.60
CA LEU A 65 -18.54 10.45 -11.16
C LEU A 65 -18.87 11.91 -10.82
N ARG A 66 -19.60 12.11 -9.72
CA ARG A 66 -19.90 13.45 -9.22
C ARG A 66 -18.64 13.99 -8.55
N VAL A 67 -18.14 15.15 -9.01
CA VAL A 67 -16.87 15.71 -8.58
C VAL A 67 -17.15 17.09 -7.97
N LEU A 68 -16.50 17.38 -6.84
CA LEU A 68 -16.70 18.61 -6.09
C LEU A 68 -15.36 19.08 -5.51
N PRO A 69 -15.16 20.38 -5.12
CA PRO A 69 -14.02 20.73 -4.26
C PRO A 69 -14.04 19.93 -2.95
N VAL A 70 -12.85 19.76 -2.33
CA VAL A 70 -12.66 18.87 -1.19
C VAL A 70 -13.57 19.31 -0.04
N ALA A 71 -13.52 20.61 0.34
CA ALA A 71 -14.31 21.15 1.44
C ALA A 71 -15.80 20.84 1.25
N GLU A 72 -16.29 20.96 0.01
CA GLU A 72 -17.71 20.79 -0.33
C GLU A 72 -18.09 19.31 -0.21
N ALA A 73 -17.28 18.41 -0.82
CA ALA A 73 -17.49 16.97 -0.75
C ALA A 73 -17.59 16.48 0.69
N VAL A 74 -16.77 17.05 1.60
CA VAL A 74 -16.76 16.67 3.01
C VAL A 74 -18.02 17.21 3.70
N ARG A 75 -18.42 18.46 3.45
CA ARG A 75 -19.56 19.10 4.13
C ARG A 75 -20.83 18.23 4.02
N GLU A 76 -21.01 17.50 2.91
CA GLU A 76 -22.22 16.73 2.66
C GLU A 76 -21.99 15.21 2.83
N ALA A 77 -20.94 14.77 3.55
CA ALA A 77 -20.62 13.35 3.68
C ALA A 77 -20.78 12.86 5.13
N ASP A 78 -21.12 11.57 5.25
CA ASP A 78 -21.26 10.85 6.51
C ASP A 78 -20.00 9.99 6.77
N VAL A 79 -19.33 9.54 5.69
CA VAL A 79 -18.06 8.81 5.74
C VAL A 79 -17.09 9.50 4.79
N VAL A 80 -15.89 9.86 5.27
CA VAL A 80 -14.86 10.46 4.43
C VAL A 80 -13.74 9.43 4.31
N MET A 81 -13.47 8.95 3.08
CA MET A 81 -12.44 7.96 2.87
C MET A 81 -11.26 8.68 2.23
N VAL A 82 -10.12 8.70 2.96
CA VAL A 82 -8.99 9.56 2.65
C VAL A 82 -8.00 8.69 1.89
N LEU A 83 -7.79 8.97 0.58
CA LEU A 83 -6.95 8.14 -0.28
C LEU A 83 -5.94 9.04 -1.00
N LEU A 84 -5.18 9.77 -0.17
CA LEU A 84 -4.18 10.71 -0.62
C LEU A 84 -2.81 10.18 -0.21
N PRO A 85 -1.68 10.62 -0.83
CA PRO A 85 -0.34 10.29 -0.31
C PRO A 85 -0.18 10.59 1.18
N ASP A 86 0.50 9.69 1.94
CA ASP A 86 0.70 9.86 3.37
C ASP A 86 1.14 11.30 3.71
N GLU A 87 2.08 11.88 2.95
CA GLU A 87 2.62 13.21 3.23
C GLU A 87 1.63 14.36 2.97
N LYS A 88 0.53 14.15 2.22
CA LYS A 88 -0.45 15.20 1.96
C LYS A 88 -1.67 15.11 2.88
N GLN A 89 -1.85 13.99 3.59
CA GLN A 89 -3.10 13.74 4.31
C GLN A 89 -3.29 14.71 5.46
N ALA A 90 -2.24 14.93 6.26
CA ALA A 90 -2.38 15.70 7.49
C ALA A 90 -2.87 17.12 7.19
N GLN A 91 -2.33 17.76 6.14
CA GLN A 91 -2.66 19.13 5.81
C GLN A 91 -4.11 19.21 5.34
N VAL A 92 -4.54 18.24 4.50
CA VAL A 92 -5.91 18.23 3.99
C VAL A 92 -6.87 17.95 5.15
N TYR A 93 -6.49 17.09 6.10
CA TYR A 93 -7.33 16.87 7.27
C TYR A 93 -7.49 18.18 8.05
N ARG A 94 -6.39 18.86 8.41
CA ARG A 94 -6.43 20.07 9.22
C ARG A 94 -7.27 21.18 8.58
N GLU A 95 -7.04 21.46 7.29
CA GLU A 95 -7.57 22.64 6.63
C GLU A 95 -8.97 22.39 6.07
N GLU A 96 -9.31 21.14 5.67
CA GLU A 96 -10.46 20.90 4.82
C GLU A 96 -11.37 19.76 5.31
N VAL A 97 -10.96 18.93 6.30
CA VAL A 97 -11.82 17.83 6.76
C VAL A 97 -12.28 18.15 8.19
N GLU A 98 -11.32 18.35 9.13
CA GLU A 98 -11.59 18.75 10.51
C GLU A 98 -12.70 19.81 10.56
N PRO A 99 -12.64 21.00 9.88
CA PRO A 99 -13.71 22.00 10.03
C PRO A 99 -15.07 21.66 9.40
N ASN A 100 -15.10 20.73 8.43
CA ASN A 100 -16.24 20.51 7.56
C ASN A 100 -16.94 19.18 7.78
N LEU A 101 -16.39 18.26 8.60
CA LEU A 101 -16.98 16.94 8.73
C LEU A 101 -17.96 16.98 9.91
N LYS A 102 -19.21 16.55 9.66
CA LYS A 102 -20.31 16.58 10.62
C LYS A 102 -19.89 15.87 11.92
N GLU A 103 -20.46 16.27 13.06
CA GLU A 103 -20.12 15.60 14.31
C GLU A 103 -20.75 14.20 14.27
N GLY A 104 -20.10 13.24 14.95
CA GLY A 104 -20.44 11.83 14.83
C GLY A 104 -20.20 11.22 13.45
N GLY A 105 -19.46 11.90 12.55
CA GLY A 105 -19.13 11.36 11.24
C GLY A 105 -18.05 10.29 11.34
N ALA A 106 -17.75 9.66 10.20
CA ALA A 106 -16.72 8.62 10.12
C ALA A 106 -15.60 9.11 9.21
N LEU A 107 -14.37 8.90 9.69
CA LEU A 107 -13.16 9.23 8.96
C LEU A 107 -12.44 7.90 8.69
N ALA A 108 -12.22 7.57 7.42
CA ALA A 108 -11.77 6.24 7.02
C ALA A 108 -10.45 6.35 6.26
N PHE A 109 -9.63 5.28 6.30
CA PHE A 109 -8.31 5.27 5.70
C PHE A 109 -8.04 3.96 4.95
N ALA A 110 -7.11 3.96 4.00
CA ALA A 110 -6.56 2.72 3.48
C ALA A 110 -5.22 2.39 4.11
N HIS A 111 -4.58 3.38 4.76
CA HIS A 111 -3.31 3.18 5.41
C HIS A 111 -3.34 3.87 6.78
N GLY A 112 -2.79 3.20 7.79
CA GLY A 112 -2.82 3.72 9.15
C GLY A 112 -1.75 4.76 9.49
N PHE A 113 -0.88 5.18 8.54
CA PHE A 113 0.39 5.80 8.89
C PHE A 113 0.15 7.11 9.66
N ASN A 114 -0.66 8.02 9.09
CA ASN A 114 -0.84 9.34 9.68
C ASN A 114 -1.56 9.27 11.03
N VAL A 115 -2.49 8.33 11.23
CA VAL A 115 -3.19 8.17 12.50
C VAL A 115 -2.27 7.50 13.52
N HIS A 116 -1.58 6.43 13.11
CA HIS A 116 -0.72 5.70 14.05
C HIS A 116 0.37 6.61 14.61
N PHE A 117 0.92 7.51 13.79
CA PHE A 117 2.01 8.39 14.20
C PHE A 117 1.53 9.80 14.51
N GLY A 118 0.23 10.02 14.75
CA GLY A 118 -0.25 11.28 15.32
C GLY A 118 -0.08 12.50 14.40
N GLN A 119 -0.02 12.31 13.09
CA GLN A 119 0.00 13.44 12.17
C GLN A 119 -1.43 13.93 11.96
N ILE A 120 -2.41 13.02 12.10
CA ILE A 120 -3.81 13.35 12.23
C ILE A 120 -4.18 12.97 13.67
N LYS A 121 -4.61 13.95 14.49
CA LYS A 121 -5.16 13.67 15.81
C LYS A 121 -6.67 13.87 15.69
N PRO A 122 -7.47 12.82 15.38
CA PRO A 122 -8.84 13.02 14.95
C PRO A 122 -9.73 13.43 16.14
N ARG A 123 -10.78 14.23 15.84
CA ARG A 123 -11.72 14.72 16.85
C ARG A 123 -12.31 13.53 17.62
N LYS A 124 -12.57 13.72 18.93
CA LYS A 124 -13.02 12.63 19.82
C LYS A 124 -14.41 12.12 19.45
N ASP A 125 -15.23 12.91 18.72
CA ASP A 125 -16.58 12.52 18.31
C ASP A 125 -16.61 11.65 17.05
N LEU A 126 -15.50 11.48 16.31
CA LEU A 126 -15.53 10.75 15.05
C LEU A 126 -15.36 9.25 15.27
N ASP A 127 -15.92 8.45 14.35
CA ASP A 127 -15.46 7.08 14.13
C ASP A 127 -14.19 7.15 13.28
N VAL A 128 -13.18 6.32 13.59
CA VAL A 128 -11.96 6.25 12.79
C VAL A 128 -11.67 4.79 12.50
N TRP A 129 -11.72 4.39 11.23
CA TRP A 129 -11.47 3.00 10.90
C TRP A 129 -10.74 2.92 9.56
N MET A 130 -10.35 1.70 9.18
CA MET A 130 -9.55 1.52 7.99
C MET A 130 -9.95 0.24 7.29
N VAL A 131 -10.01 0.29 5.95
CA VAL A 131 -10.12 -0.90 5.14
C VAL A 131 -8.91 -0.91 4.22
N ALA A 132 -8.13 -1.98 4.28
CA ALA A 132 -6.85 -2.07 3.58
C ALA A 132 -6.92 -3.25 2.62
N PRO A 133 -7.41 -3.11 1.35
CA PRO A 133 -7.34 -4.20 0.37
C PRO A 133 -5.88 -4.52 0.01
N LYS A 134 -5.61 -5.79 -0.33
CA LYS A 134 -4.29 -6.22 -0.76
C LYS A 134 -4.33 -6.54 -2.26
N GLY A 161 -17.58 -10.47 -10.02
CA GLY A 161 -16.26 -11.12 -9.95
C GLY A 161 -15.89 -11.55 -8.52
N GLY A 162 -14.97 -12.52 -8.40
CA GLY A 162 -14.49 -13.05 -7.11
C GLY A 162 -12.99 -13.34 -7.09
N SER A 163 -12.19 -12.39 -7.64
CA SER A 163 -10.73 -12.46 -7.57
C SER A 163 -10.29 -12.38 -6.12
N GLY A 164 -9.29 -13.19 -5.72
CA GLY A 164 -9.06 -13.53 -4.33
C GLY A 164 -8.25 -12.49 -3.56
N VAL A 165 -8.76 -11.25 -3.47
CA VAL A 165 -8.08 -10.11 -2.87
C VAL A 165 -8.64 -9.98 -1.45
N PRO A 166 -8.00 -10.54 -0.38
CA PRO A 166 -8.49 -10.32 0.98
C PRO A 166 -8.23 -8.89 1.42
N ALA A 167 -8.79 -8.49 2.57
CA ALA A 167 -8.54 -7.16 3.13
C ALA A 167 -8.29 -7.24 4.63
N LEU A 168 -7.64 -6.20 5.15
CA LEU A 168 -7.51 -5.98 6.59
C LEU A 168 -8.57 -4.95 6.98
N VAL A 169 -9.07 -5.03 8.21
CA VAL A 169 -9.94 -3.98 8.73
C VAL A 169 -9.49 -3.67 10.15
N ALA A 170 -9.50 -2.38 10.51
CA ALA A 170 -9.15 -1.98 11.86
C ALA A 170 -9.95 -0.76 12.25
N VAL A 171 -10.19 -0.63 13.57
CA VAL A 171 -10.93 0.48 14.13
C VAL A 171 -10.05 1.12 15.19
N HIS A 172 -9.71 2.40 15.00
CA HIS A 172 -8.90 3.16 15.94
C HIS A 172 -9.79 3.77 17.01
N GLN A 173 -11.05 4.12 16.66
CA GLN A 173 -11.90 4.97 17.48
C GLN A 173 -13.36 4.70 17.13
N ASP A 174 -14.18 4.34 18.13
CA ASP A 174 -15.55 3.93 17.91
C ASP A 174 -16.46 4.81 18.77
N ALA A 175 -16.82 5.99 18.23
CA ALA A 175 -17.65 6.95 18.95
C ALA A 175 -19.13 6.54 18.89
N SER A 176 -19.58 6.01 17.75
CA SER A 176 -20.98 5.71 17.47
C SER A 176 -21.40 4.36 18.07
N GLY A 177 -20.43 3.47 18.36
CA GLY A 177 -20.73 2.09 18.74
C GLY A 177 -20.89 1.13 17.55
N SER A 178 -20.83 1.64 16.30
CA SER A 178 -21.01 0.81 15.11
C SER A 178 -19.92 1.07 14.05
N ALA A 179 -18.72 1.52 14.48
CA ALA A 179 -17.60 1.71 13.57
C ALA A 179 -17.26 0.39 12.87
N PHE A 180 -17.14 -0.72 13.64
CA PHE A 180 -16.70 -1.99 13.09
C PHE A 180 -17.71 -2.52 12.05
N PRO A 181 -19.05 -2.66 12.33
CA PRO A 181 -20.01 -3.04 11.29
C PRO A 181 -19.97 -2.15 10.05
N THR A 182 -19.82 -0.83 10.24
CA THR A 182 -19.72 0.11 9.13
C THR A 182 -18.49 -0.23 8.28
N ALA A 183 -17.32 -0.39 8.92
CA ALA A 183 -16.08 -0.68 8.21
C ALA A 183 -16.21 -1.98 7.40
N LEU A 184 -16.83 -2.99 8.03
CA LEU A 184 -17.03 -4.28 7.42
C LEU A 184 -17.98 -4.14 6.22
N ALA A 185 -19.05 -3.33 6.37
CA ALA A 185 -19.95 -3.01 5.28
C ALA A 185 -19.21 -2.32 4.13
N TYR A 186 -18.31 -1.37 4.45
CA TYR A 186 -17.51 -0.67 3.45
C TYR A 186 -16.69 -1.68 2.64
N ALA A 187 -16.09 -2.68 3.32
CA ALA A 187 -15.31 -3.71 2.65
C ALA A 187 -16.20 -4.58 1.74
N LYS A 188 -17.45 -4.85 2.16
CA LYS A 188 -18.43 -5.59 1.37
C LYS A 188 -18.73 -4.77 0.11
N ALA A 189 -19.07 -3.48 0.29
CA ALA A 189 -19.43 -2.57 -0.80
C ALA A 189 -18.30 -2.36 -1.81
N ILE A 190 -17.06 -2.75 -1.46
CA ILE A 190 -15.90 -2.58 -2.34
C ILE A 190 -15.56 -3.91 -3.05
N GLY A 191 -16.07 -5.06 -2.55
CA GLY A 191 -15.74 -6.38 -3.08
C GLY A 191 -14.53 -7.02 -2.40
N ALA A 192 -14.16 -6.55 -1.20
CA ALA A 192 -13.01 -7.06 -0.49
C ALA A 192 -13.42 -8.19 0.46
N ALA A 193 -14.72 -8.25 0.80
CA ALA A 193 -15.24 -9.26 1.72
C ALA A 193 -15.19 -10.66 1.11
N ARG A 194 -15.29 -10.75 -0.23
CA ARG A 194 -15.37 -12.02 -0.95
C ARG A 194 -14.27 -12.99 -0.49
N ALA A 195 -12.99 -12.59 -0.54
CA ALA A 195 -11.88 -13.47 -0.19
C ALA A 195 -11.57 -13.47 1.31
N GLY A 196 -12.21 -12.57 2.10
CA GLY A 196 -12.12 -12.58 3.54
C GLY A 196 -11.52 -11.27 4.09
N VAL A 197 -12.09 -10.79 5.21
CA VAL A 197 -11.63 -9.59 5.86
C VAL A 197 -11.05 -10.00 7.22
N ILE A 198 -9.81 -9.57 7.49
CA ILE A 198 -9.09 -9.95 8.69
C ILE A 198 -9.12 -8.75 9.64
N ALA A 199 -9.52 -8.96 10.89
CA ALA A 199 -9.54 -7.86 11.85
C ALA A 199 -8.14 -7.71 12.45
N THR A 200 -7.65 -6.48 12.51
CA THR A 200 -6.33 -6.16 13.05
C THR A 200 -6.40 -4.81 13.78
N THR A 201 -5.24 -4.16 13.98
CA THR A 201 -5.09 -2.84 14.59
C THR A 201 -4.32 -1.93 13.63
N PHE A 202 -4.48 -0.61 13.81
CA PHE A 202 -3.73 0.38 13.05
C PHE A 202 -2.23 0.18 13.24
N LYS A 203 -1.81 -0.19 14.45
CA LYS A 203 -0.40 -0.41 14.76
C LYS A 203 0.16 -1.51 13.85
N ASP A 204 -0.53 -2.66 13.78
CA ASP A 204 0.03 -3.84 13.16
C ASP A 204 0.01 -3.66 11.64
N GLU A 205 -1.08 -3.09 11.08
CA GLU A 205 -1.10 -2.73 9.66
C GLU A 205 0.06 -1.80 9.32
N THR A 206 0.27 -0.72 10.11
CA THR A 206 1.24 0.30 9.72
C THR A 206 2.67 -0.24 9.83
N GLU A 207 2.96 -0.97 10.91
CA GLU A 207 4.33 -1.31 11.20
C GLU A 207 4.76 -2.46 10.30
N THR A 208 3.85 -3.39 9.98
CA THR A 208 4.22 -4.46 9.07
C THR A 208 4.40 -3.92 7.65
N ASP A 209 3.60 -2.91 7.23
CA ASP A 209 3.74 -2.35 5.88
C ASP A 209 5.10 -1.68 5.70
N LEU A 210 5.50 -0.85 6.67
CA LEU A 210 6.78 -0.17 6.60
C LEU A 210 7.91 -1.20 6.63
N PHE A 211 7.79 -2.24 7.47
CA PHE A 211 8.82 -3.25 7.55
C PHE A 211 9.03 -3.97 6.22
N GLY A 212 7.95 -4.49 5.61
CA GLY A 212 8.03 -5.13 4.32
C GLY A 212 8.74 -4.26 3.27
N GLU A 213 8.33 -2.99 3.14
CA GLU A 213 8.88 -2.06 2.16
C GLU A 213 10.40 -1.90 2.35
N GLN A 214 10.86 -1.82 3.60
CA GLN A 214 12.22 -1.44 3.92
C GLN A 214 13.12 -2.68 3.92
N ALA A 215 12.67 -3.78 4.54
CA ALA A 215 13.57 -4.90 4.80
C ALA A 215 13.58 -5.89 3.64
N VAL A 216 12.45 -6.08 2.94
CA VAL A 216 12.30 -7.18 2.01
C VAL A 216 11.88 -6.64 0.64
N LEU A 217 10.64 -6.15 0.53
CA LEU A 217 9.94 -6.07 -0.76
C LEU A 217 10.71 -5.18 -1.71
N CYS A 218 11.11 -3.97 -1.28
CA CYS A 218 11.77 -3.01 -2.16
C CYS A 218 13.21 -2.84 -1.71
N GLY A 219 13.43 -2.50 -0.42
CA GLY A 219 14.75 -2.15 0.07
C GLY A 219 15.72 -3.32 -0.09
N GLY A 220 15.48 -4.42 0.64
CA GLY A 220 16.35 -5.59 0.59
C GLY A 220 16.49 -6.19 -0.82
N LEU A 221 15.36 -6.44 -1.51
CA LEU A 221 15.38 -7.15 -2.78
C LEU A 221 16.17 -6.37 -3.83
N THR A 222 15.97 -5.06 -3.94
CA THR A 222 16.69 -4.28 -4.93
C THR A 222 18.19 -4.29 -4.65
N ARG A 223 18.59 -4.27 -3.38
CA ARG A 223 20.00 -4.30 -3.03
C ARG A 223 20.63 -5.63 -3.39
N LEU A 224 19.87 -6.72 -3.23
CA LEU A 224 20.37 -8.05 -3.52
C LEU A 224 20.57 -8.22 -5.02
N ILE A 225 19.57 -7.83 -5.85
CA ILE A 225 19.67 -7.80 -7.32
C ILE A 225 20.88 -6.96 -7.75
N ARG A 226 21.00 -5.73 -7.26
CA ARG A 226 22.10 -4.84 -7.63
C ARG A 226 23.44 -5.50 -7.29
N ALA A 227 23.59 -6.12 -6.10
CA ALA A 227 24.87 -6.75 -5.76
C ALA A 227 25.16 -7.93 -6.67
N GLY A 228 24.14 -8.73 -7.01
CA GLY A 228 24.25 -9.81 -7.99
C GLY A 228 24.74 -9.32 -9.35
N PHE A 229 24.05 -8.31 -9.88
CA PHE A 229 24.35 -7.77 -11.20
C PHE A 229 25.76 -7.19 -11.23
N GLU A 230 26.10 -6.35 -10.24
CA GLU A 230 27.44 -5.76 -10.19
C GLU A 230 28.50 -6.85 -10.04
N THR A 231 28.24 -7.92 -9.27
CA THR A 231 29.22 -8.99 -9.08
C THR A 231 29.54 -9.62 -10.44
N LEU A 232 28.51 -9.93 -11.24
CA LEU A 232 28.75 -10.57 -12.52
C LEU A 232 29.44 -9.62 -13.49
N VAL A 233 28.99 -8.37 -13.58
CA VAL A 233 29.52 -7.41 -14.55
C VAL A 233 30.98 -7.10 -14.21
N GLU A 234 31.30 -6.89 -12.91
CA GLU A 234 32.68 -6.65 -12.49
C GLU A 234 33.57 -7.87 -12.74
N ALA A 235 33.00 -9.10 -12.73
CA ALA A 235 33.73 -10.33 -13.02
C ALA A 235 33.89 -10.58 -14.53
N GLY A 236 33.34 -9.69 -15.38
CA GLY A 236 33.60 -9.69 -16.80
C GLY A 236 32.57 -10.50 -17.60
N TYR A 237 31.41 -10.83 -17.01
CA TYR A 237 30.34 -11.45 -17.76
C TYR A 237 29.62 -10.35 -18.55
N PRO A 238 29.08 -10.61 -19.76
CA PRO A 238 28.38 -9.56 -20.51
C PRO A 238 27.18 -9.00 -19.75
N PRO A 239 26.99 -7.67 -19.64
CA PRO A 239 25.84 -7.09 -18.93
C PRO A 239 24.47 -7.64 -19.31
N GLU A 240 24.29 -7.99 -20.59
CA GLU A 240 23.03 -8.53 -21.08
C GLU A 240 22.70 -9.80 -20.32
N MET A 241 23.71 -10.68 -20.13
CA MET A 241 23.48 -11.96 -19.51
C MET A 241 23.42 -11.80 -18.00
N ALA A 242 24.22 -10.89 -17.43
CA ALA A 242 24.03 -10.51 -16.03
C ALA A 242 22.57 -10.13 -15.79
N TYR A 243 21.97 -9.33 -16.68
CA TYR A 243 20.61 -8.85 -16.51
C TYR A 243 19.62 -10.01 -16.55
N PHE A 244 19.81 -10.98 -17.48
CA PHE A 244 18.89 -12.11 -17.55
C PHE A 244 18.94 -12.95 -16.28
N GLU A 245 20.13 -13.25 -15.76
CA GLU A 245 20.24 -14.19 -14.66
C GLU A 245 20.00 -13.55 -13.29
N THR A 246 19.84 -12.22 -13.23
CA THR A 246 19.73 -11.53 -11.95
C THR A 246 18.43 -10.71 -11.87
N VAL A 247 17.73 -10.44 -12.98
CA VAL A 247 16.57 -9.54 -12.94
C VAL A 247 15.40 -10.19 -13.68
N HIS A 248 15.57 -10.50 -14.97
CA HIS A 248 14.50 -11.08 -15.76
C HIS A 248 13.99 -12.41 -15.17
N GLU A 249 14.89 -13.27 -14.68
CA GLU A 249 14.47 -14.60 -14.22
C GLU A 249 13.80 -14.52 -12.84
N VAL A 250 13.80 -13.37 -12.14
CA VAL A 250 13.20 -13.27 -10.79
C VAL A 250 11.70 -13.58 -10.91
N LYS A 251 11.03 -13.10 -11.97
CA LYS A 251 9.59 -13.29 -12.10
C LYS A 251 9.20 -14.77 -12.06
N LEU A 252 9.96 -15.63 -12.76
CA LEU A 252 9.70 -17.05 -12.82
C LEU A 252 9.61 -17.66 -11.41
N ILE A 253 10.59 -17.30 -10.55
CA ILE A 253 10.65 -17.81 -9.19
C ILE A 253 9.49 -17.25 -8.36
N VAL A 254 9.24 -15.95 -8.45
CA VAL A 254 8.24 -15.33 -7.59
C VAL A 254 6.82 -15.78 -7.99
N ASP A 255 6.54 -15.99 -9.28
CA ASP A 255 5.26 -16.58 -9.68
C ASP A 255 5.02 -17.94 -9.02
N LEU A 256 6.04 -18.82 -8.94
CA LEU A 256 5.90 -20.09 -8.25
C LEU A 256 5.63 -19.88 -6.76
N ILE A 257 6.30 -18.92 -6.11
CA ILE A 257 6.08 -18.69 -4.68
C ILE A 257 4.64 -18.20 -4.47
N TYR A 258 4.18 -17.26 -5.29
CA TYR A 258 2.80 -16.80 -5.26
C TYR A 258 1.80 -17.96 -5.33
N GLU A 259 2.00 -18.92 -6.25
CA GLU A 259 1.02 -19.97 -6.49
C GLU A 259 1.10 -21.06 -5.42
N ALA A 260 2.31 -21.46 -5.01
CA ALA A 260 2.47 -22.69 -4.24
C ALA A 260 3.49 -22.56 -3.11
N GLY A 261 3.83 -21.31 -2.75
CA GLY A 261 4.68 -21.07 -1.60
C GLY A 261 6.10 -21.55 -1.86
N LEU A 262 6.94 -21.44 -0.83
CA LEU A 262 8.35 -21.78 -0.97
C LEU A 262 8.51 -23.26 -1.33
N LYS A 263 7.74 -24.17 -0.74
CA LYS A 263 8.05 -25.59 -0.95
C LYS A 263 7.59 -25.99 -2.34
N GLY A 264 6.50 -25.37 -2.85
CA GLY A 264 6.12 -25.46 -4.25
C GLY A 264 7.20 -24.94 -5.20
N MET A 265 7.83 -23.81 -4.84
CA MET A 265 8.87 -23.21 -5.68
C MET A 265 10.05 -24.17 -5.75
N ARG A 266 10.52 -24.69 -4.60
CA ARG A 266 11.62 -25.65 -4.55
C ARG A 266 11.28 -26.89 -5.38
N TYR A 267 10.01 -27.34 -5.30
CA TYR A 267 9.59 -28.54 -5.99
C TYR A 267 9.74 -28.36 -7.50
N SER A 268 9.41 -27.18 -8.04
CA SER A 268 9.35 -26.97 -9.48
C SER A 268 10.74 -26.69 -10.07
N ILE A 269 11.65 -26.05 -9.32
CA ILE A 269 12.99 -25.74 -9.85
C ILE A 269 13.79 -27.03 -10.00
N SER A 270 14.81 -27.01 -10.88
CA SER A 270 15.75 -28.10 -11.10
C SER A 270 16.45 -28.49 -9.80
N ASN A 271 16.89 -29.76 -9.69
CA ASN A 271 17.57 -30.23 -8.49
C ASN A 271 18.90 -29.52 -8.31
N THR A 272 19.56 -29.14 -9.41
CA THR A 272 20.80 -28.39 -9.34
C THR A 272 20.54 -27.02 -8.71
N ALA A 273 19.44 -26.34 -9.15
CA ALA A 273 19.06 -25.07 -8.55
C ALA A 273 18.73 -25.27 -7.08
N GLU A 274 18.00 -26.36 -6.78
CA GLU A 274 17.55 -26.60 -5.42
C GLU A 274 18.76 -26.85 -4.53
N TYR A 275 19.75 -27.58 -5.04
CA TYR A 275 20.93 -27.91 -4.25
C TYR A 275 21.72 -26.65 -3.97
N GLY A 276 21.90 -25.81 -5.01
CA GLY A 276 22.58 -24.55 -4.84
C GLY A 276 21.88 -23.64 -3.82
N ASP A 277 20.55 -23.54 -3.92
CA ASP A 277 19.74 -22.75 -3.00
C ASP A 277 20.03 -23.24 -1.57
N TYR A 278 19.87 -24.54 -1.30
CA TYR A 278 19.98 -25.06 0.05
C TYR A 278 21.38 -24.94 0.62
N THR A 279 22.43 -24.97 -0.21
CA THR A 279 23.79 -25.00 0.29
C THR A 279 24.52 -23.66 0.16
N ARG A 280 24.04 -22.69 -0.66
CA ARG A 280 24.71 -21.39 -0.82
C ARG A 280 23.83 -20.17 -0.51
N GLY A 281 22.51 -20.32 -0.37
CA GLY A 281 21.67 -19.21 0.02
C GLY A 281 22.15 -18.51 1.28
N ASP A 282 22.54 -19.30 2.29
CA ASP A 282 23.00 -18.74 3.55
C ASP A 282 24.32 -18.00 3.39
N LEU A 283 25.18 -18.44 2.46
CA LEU A 283 26.40 -17.70 2.21
C LEU A 283 26.07 -16.30 1.64
N ALA A 284 25.06 -16.18 0.77
CA ALA A 284 24.67 -14.88 0.22
C ALA A 284 24.10 -13.97 1.31
N VAL A 285 23.22 -14.52 2.17
CA VAL A 285 22.36 -13.76 3.06
C VAL A 285 22.40 -14.50 4.41
N PRO A 286 23.40 -14.25 5.29
CA PRO A 286 23.54 -15.08 6.50
C PRO A 286 22.44 -14.73 7.50
N LEU A 287 21.93 -15.77 8.19
CA LEU A 287 20.63 -15.68 8.84
C LEU A 287 20.68 -14.74 10.04
N GLU A 288 21.65 -14.96 10.95
CA GLU A 288 21.66 -14.24 12.23
C GLU A 288 22.06 -12.78 12.00
N GLU A 289 23.07 -12.52 11.15
CA GLU A 289 23.43 -11.16 10.79
C GLU A 289 22.24 -10.43 10.15
N THR A 290 21.51 -11.08 9.21
CA THR A 290 20.40 -10.44 8.52
C THR A 290 19.29 -10.14 9.53
N LYS A 291 19.01 -11.10 10.41
CA LYS A 291 17.96 -10.92 11.40
C LYS A 291 18.34 -9.78 12.35
N ARG A 292 19.63 -9.67 12.73
CA ARG A 292 20.07 -8.56 13.56
C ARG A 292 19.78 -7.23 12.87
N ARG A 293 20.16 -7.09 11.59
CA ARG A 293 20.01 -5.82 10.89
C ARG A 293 18.52 -5.50 10.72
N MET A 294 17.70 -6.53 10.46
CA MET A 294 16.28 -6.32 10.27
C MET A 294 15.62 -5.92 11.60
N ARG A 295 16.12 -6.41 12.74
CA ARG A 295 15.61 -5.96 14.03
C ARG A 295 15.86 -4.47 14.25
N GLU A 296 17.02 -3.94 13.78
CA GLU A 296 17.27 -2.51 13.82
C GLU A 296 16.31 -1.72 12.91
N ILE A 297 16.01 -2.23 11.70
CA ILE A 297 15.03 -1.59 10.81
C ILE A 297 13.70 -1.51 11.56
N LEU A 298 13.30 -2.62 12.20
CA LEU A 298 12.01 -2.67 12.85
C LEU A 298 11.97 -1.72 14.05
N ARG A 299 13.07 -1.65 14.82
CA ARG A 299 13.20 -0.76 15.97
C ARG A 299 12.96 0.69 15.56
N GLN A 300 13.58 1.14 14.46
CA GLN A 300 13.40 2.52 14.04
C GLN A 300 11.95 2.76 13.61
N ILE A 301 11.24 1.74 13.09
CA ILE A 301 9.83 1.90 12.74
C ILE A 301 9.03 2.07 14.02
N GLN A 302 9.18 1.11 14.94
CA GLN A 302 8.34 1.03 16.12
C GLN A 302 8.57 2.25 17.03
N SER A 303 9.82 2.77 17.08
CA SER A 303 10.16 3.90 17.96
C SER A 303 9.63 5.25 17.46
N GLY A 304 9.14 5.36 16.22
CA GLY A 304 8.72 6.64 15.67
C GLY A 304 9.86 7.38 14.97
N GLU A 305 11.12 6.91 15.09
CA GLU A 305 12.24 7.56 14.42
C GLU A 305 12.03 7.60 12.90
N PHE A 306 11.54 6.52 12.27
CA PHE A 306 11.33 6.54 10.83
C PHE A 306 10.26 7.57 10.47
N ALA A 307 9.12 7.55 11.19
CA ALA A 307 8.07 8.53 10.91
C ALA A 307 8.62 9.94 11.04
N ARG A 308 9.39 10.24 12.10
CA ARG A 308 9.94 11.58 12.25
C ARG A 308 10.80 11.93 11.03
N GLU A 309 11.71 11.02 10.64
CA GLU A 309 12.65 11.25 9.54
C GLU A 309 11.86 11.65 8.30
N TRP A 310 10.82 10.86 7.97
CA TRP A 310 10.04 11.06 6.76
C TRP A 310 9.23 12.35 6.84
N MET A 311 8.67 12.67 8.01
CA MET A 311 7.87 13.88 8.16
C MET A 311 8.74 15.11 7.95
N LEU A 312 9.95 15.10 8.53
CA LEU A 312 10.82 16.25 8.40
C LEU A 312 11.32 16.38 6.98
N GLU A 313 11.63 15.25 6.32
CA GLU A 313 12.04 15.22 4.92
C GLU A 313 11.04 16.00 4.07
N ASN A 314 9.73 15.80 4.32
CA ASN A 314 8.71 16.47 3.53
C ASN A 314 8.56 17.94 3.90
N GLN A 315 8.98 18.38 5.11
CA GLN A 315 8.97 19.80 5.48
C GLN A 315 9.95 20.63 4.64
N VAL A 316 10.98 20.01 4.04
CA VAL A 316 12.07 20.75 3.39
C VAL A 316 12.26 20.28 1.96
N GLY A 317 11.17 19.90 1.26
CA GLY A 317 11.19 19.64 -0.18
C GLY A 317 11.86 18.33 -0.60
N SER A 318 11.90 17.31 0.28
CA SER A 318 12.34 15.94 -0.05
C SER A 318 13.71 15.88 -0.76
N PRO A 319 14.73 16.52 -0.17
CA PRO A 319 16.05 16.58 -0.82
C PRO A 319 16.62 15.18 -1.03
N VAL A 320 16.55 14.29 -0.03
CA VAL A 320 17.18 12.98 -0.09
C VAL A 320 16.43 12.15 -1.13
N LEU A 321 15.08 12.23 -1.16
CA LEU A 321 14.31 11.45 -2.12
C LEU A 321 14.78 11.85 -3.52
N GLU A 322 14.81 13.15 -3.82
CA GLU A 322 15.13 13.54 -5.18
C GLU A 322 16.58 13.18 -5.53
N ALA A 323 17.50 13.25 -4.58
CA ALA A 323 18.91 12.93 -4.78
C ALA A 323 19.12 11.45 -5.09
N ASN A 324 18.40 10.56 -4.39
CA ASN A 324 18.60 9.13 -4.48
C ASN A 324 17.96 8.68 -5.79
N ARG A 325 16.67 8.98 -6.04
CA ARG A 325 16.03 8.78 -7.35
C ARG A 325 17.06 8.90 -8.48
N LYS A 326 17.74 10.06 -8.54
CA LYS A 326 18.63 10.44 -9.64
C LYS A 326 19.81 9.46 -9.71
N ARG A 327 20.50 9.23 -8.57
CA ARG A 327 21.65 8.32 -8.55
C ARG A 327 21.25 6.91 -8.99
N TRP A 328 20.02 6.46 -8.67
CA TRP A 328 19.58 5.08 -8.93
C TRP A 328 19.10 4.92 -10.38
N ALA A 329 18.62 6.03 -10.97
CA ALA A 329 18.16 6.11 -12.34
C ALA A 329 19.35 6.13 -13.32
N ALA A 330 20.51 6.60 -12.83
CA ALA A 330 21.74 6.59 -13.60
C ALA A 330 22.45 5.23 -13.59
N HIS A 331 21.94 4.23 -12.85
CA HIS A 331 22.70 3.01 -12.60
C HIS A 331 22.85 2.19 -13.89
N PRO A 332 24.03 1.63 -14.25
CA PRO A 332 24.18 0.84 -15.49
C PRO A 332 23.16 -0.26 -15.80
N ILE A 333 22.61 -0.86 -14.74
CA ILE A 333 21.50 -1.83 -14.80
C ILE A 333 20.28 -1.28 -15.55
N GLU A 334 20.06 0.05 -15.57
CA GLU A 334 18.91 0.64 -16.26
C GLU A 334 19.11 0.66 -17.78
N GLU A 335 20.30 1.06 -18.26
CA GLU A 335 20.60 1.07 -19.69
C GLU A 335 20.37 -0.33 -20.26
N VAL A 336 20.98 -1.35 -19.64
CA VAL A 336 20.91 -2.70 -20.18
C VAL A 336 19.45 -3.19 -20.09
N GLY A 337 18.76 -2.89 -18.99
CA GLY A 337 17.38 -3.28 -18.83
C GLY A 337 16.50 -2.74 -19.96
N SER A 338 16.62 -1.44 -20.25
CA SER A 338 15.82 -0.75 -21.25
C SER A 338 16.06 -1.36 -22.64
N ARG A 339 17.34 -1.56 -23.01
CA ARG A 339 17.69 -2.17 -24.29
C ARG A 339 17.00 -3.53 -24.42
N LEU A 340 17.12 -4.41 -23.41
CA LEU A 340 16.62 -5.76 -23.55
C LEU A 340 15.09 -5.78 -23.52
N ARG A 341 14.44 -4.90 -22.75
CA ARG A 341 12.98 -4.93 -22.73
C ARG A 341 12.44 -4.47 -24.08
N ALA A 342 13.09 -3.46 -24.70
CA ALA A 342 12.75 -3.00 -26.04
C ALA A 342 12.91 -4.15 -27.05
N MET A 343 14.07 -4.82 -27.06
CA MET A 343 14.39 -5.94 -27.94
C MET A 343 13.30 -7.02 -27.89
N MET A 344 12.76 -7.31 -26.68
CA MET A 344 11.77 -8.36 -26.50
C MET A 344 10.37 -7.94 -26.98
N ARG A 345 10.02 -6.64 -26.88
CA ARG A 345 8.73 -6.14 -27.36
C ARG A 345 8.66 -6.12 -28.90
N SER A 346 9.81 -6.26 -29.58
CA SER A 346 9.94 -6.50 -31.02
C SER A 346 9.43 -5.28 -31.80
#